data_4FTH
#
_entry.id   4FTH
#
_cell.length_a   67.436
_cell.length_b   28.798
_cell.length_c   74.931
_cell.angle_alpha   90.00
_cell.angle_beta   94.55
_cell.angle_gamma   90.00
#
_symmetry.space_group_name_H-M   'P 1 21 1'
#
loop_
_entity.id
_entity.type
_entity.pdbx_description
1 polymer 'Transcriptional regulator (NtrC family)'
2 polymer "5'-D(*AP*CP*TP*TP*GP*CP*AP*AP*AP*TP*TP*TP*GP*CP*AP*AP*AP*TP*GP*CP*AP*T)-3'"
3 polymer "5'-D(P*GP*AP*TP*GP*CP*AP*TP*TP*TP*GP*CP*AP*AP*AP*TP*TP*TP*GP*CP*AP*A)-3'"
4 water water
#
loop_
_entity_poly.entity_id
_entity_poly.type
_entity_poly.pdbx_seq_one_letter_code
_entity_poly.pdbx_strand_id
1 'polypeptide(L)' LKEKSWRDLSYLLKIKELKEAKKEFEKIFIEEKLREYDYDLKRTAEEIGIDLSNLYRKIKSLNIRVKSS A,B
2 'polydeoxyribonucleotide'
;(DA)(DC)(DT)(DT)(DG)(DC)(DA)(DA)(DA)(DT)(DT)(DT)(DG)(DC)(DA)(DA)(DA)(DT)(DG)(DC)
(DA)(DT)
;
C
3 'polydeoxyribonucleotide'
;(DG)(DA)(DT)(DG)(DC)(DA)(DT)(DT)(DT)(DG)(DC)(DA)(DA)(DA)(DT)(DT)(DT)(DG)(DC)(DA)
(DA)
;
D
#
loop_
_chem_comp.id
_chem_comp.type
_chem_comp.name
_chem_comp.formula
DA DNA linking 2'-DEOXYADENOSINE-5'-MONOPHOSPHATE 'C10 H14 N5 O6 P'
DC DNA linking 2'-DEOXYCYTIDINE-5'-MONOPHOSPHATE 'C9 H14 N3 O7 P'
DG DNA linking 2'-DEOXYGUANOSINE-5'-MONOPHOSPHATE 'C10 H14 N5 O7 P'
DT DNA linking THYMIDINE-5'-MONOPHOSPHATE 'C10 H15 N2 O8 P'
#
# COMPACT_ATOMS: atom_id res chain seq x y z
N LEU A 1 14.03 -24.82 0.99
CA LEU A 1 12.64 -24.68 1.38
C LEU A 1 11.86 -23.90 0.32
N LYS A 2 10.61 -24.29 0.11
CA LYS A 2 9.75 -23.60 -0.84
C LYS A 2 9.05 -22.40 -0.22
N GLU A 3 8.95 -21.32 -0.98
CA GLU A 3 8.18 -20.17 -0.56
C GLU A 3 7.02 -19.96 -1.50
N LYS A 4 5.88 -19.53 -0.96
CA LYS A 4 4.68 -19.35 -1.77
C LYS A 4 4.97 -18.31 -2.84
N SER A 5 4.27 -18.40 -3.96
CA SER A 5 4.42 -17.45 -5.04
C SER A 5 3.64 -16.17 -4.72
N TRP A 6 4.28 -15.03 -4.93
CA TRP A 6 3.65 -13.76 -4.62
C TRP A 6 3.32 -13.06 -5.92
N ARG A 7 2.38 -12.11 -5.83
CA ARG A 7 1.94 -11.29 -6.95
C ARG A 7 2.97 -10.24 -7.30
N ASP A 8 2.99 -9.81 -8.57
CA ASP A 8 3.93 -8.78 -8.97
C ASP A 8 3.33 -7.38 -8.97
N LEU A 9 3.81 -6.52 -8.08
CA LEU A 9 3.24 -5.19 -7.90
C LEU A 9 4.16 -4.09 -8.44
N SER A 10 4.86 -4.37 -9.53
CA SER A 10 5.77 -3.38 -10.12
C SER A 10 4.99 -2.27 -10.82
N TYR A 11 3.67 -2.45 -10.92
CA TYR A 11 2.83 -1.48 -11.59
C TYR A 11 2.31 -0.41 -10.65
N LEU A 12 2.20 -0.75 -9.36
CA LEU A 12 1.76 0.19 -8.34
C LEU A 12 2.70 1.39 -8.27
N LEU A 13 3.95 1.18 -8.66
CA LEU A 13 4.94 2.25 -8.67
C LEU A 13 4.83 3.07 -9.95
N LYS A 14 3.97 2.64 -10.86
CA LYS A 14 3.75 3.34 -12.12
C LYS A 14 2.55 4.28 -12.04
N ILE A 15 1.68 4.05 -11.07
CA ILE A 15 0.52 4.92 -10.86
C ILE A 15 0.98 6.35 -10.61
N LYS A 16 0.33 7.30 -11.27
CA LYS A 16 0.66 8.73 -11.10
C LYS A 16 0.28 9.42 -9.78
N GLU A 17 -0.94 9.21 -9.30
CA GLU A 17 -1.39 9.84 -8.07
C GLU A 17 -1.12 8.97 -6.84
N LEU A 18 -0.62 9.58 -5.78
CA LEU A 18 -0.28 8.83 -4.56
C LEU A 18 -1.51 8.23 -3.95
N LYS A 19 -2.58 9.02 -3.93
CA LYS A 19 -3.87 8.65 -3.36
C LYS A 19 -4.45 7.43 -4.07
N GLU A 20 -4.22 7.36 -5.37
CA GLU A 20 -4.61 6.23 -6.19
C GLU A 20 -3.90 4.94 -5.91
N ALA A 21 -2.58 5.00 -5.69
CA ALA A 21 -1.79 3.79 -5.45
C ALA A 21 -2.06 3.24 -4.07
N LYS A 22 -2.45 4.10 -3.14
CA LYS A 22 -2.74 3.67 -1.78
C LYS A 22 -3.99 2.82 -1.73
N LYS A 23 -4.96 3.14 -2.58
CA LYS A 23 -6.18 2.35 -2.67
C LYS A 23 -5.89 1.02 -3.36
N GLU A 24 -5.12 1.07 -4.44
CA GLU A 24 -4.79 -0.12 -5.21
C GLU A 24 -3.96 -1.12 -4.41
N PHE A 25 -2.97 -0.63 -3.67
CA PHE A 25 -2.17 -1.50 -2.82
C PHE A 25 -3.03 -2.10 -1.73
N GLU A 26 -3.79 -1.25 -1.05
CA GLU A 26 -4.67 -1.69 0.03
C GLU A 26 -5.64 -2.75 -0.47
N LYS A 27 -5.98 -2.67 -1.75
CA LYS A 27 -6.89 -3.64 -2.36
C LYS A 27 -6.19 -4.97 -2.58
N ILE A 28 -5.04 -4.93 -3.24
CA ILE A 28 -4.27 -6.14 -3.52
C ILE A 28 -3.83 -6.83 -2.24
N PHE A 29 -3.47 -6.02 -1.24
CA PHE A 29 -3.02 -6.53 0.05
C PHE A 29 -4.12 -7.31 0.75
N ILE A 30 -5.29 -6.71 0.86
CA ILE A 30 -6.42 -7.35 1.51
C ILE A 30 -6.86 -8.61 0.76
N GLU A 31 -6.83 -8.55 -0.57
CA GLU A 31 -7.19 -9.70 -1.39
C GLU A 31 -6.30 -10.91 -1.10
N GLU A 32 -4.99 -10.68 -1.07
CA GLU A 32 -4.04 -11.74 -0.78
C GLU A 32 -4.26 -12.31 0.63
N LYS A 33 -4.63 -11.43 1.55
CA LYS A 33 -4.90 -11.85 2.92
C LYS A 33 -6.14 -12.73 2.96
N LEU A 34 -7.16 -12.36 2.19
CA LEU A 34 -8.38 -13.16 2.09
C LEU A 34 -8.05 -14.57 1.62
N ARG A 35 -7.31 -14.66 0.52
CA ARG A 35 -6.92 -15.96 -0.02
C ARG A 35 -6.16 -16.78 1.01
N GLU A 36 -5.16 -16.16 1.63
CA GLU A 36 -4.29 -16.85 2.58
C GLU A 36 -5.06 -17.46 3.75
N TYR A 37 -6.22 -16.88 4.06
CA TYR A 37 -7.05 -17.39 5.14
C TYR A 37 -8.36 -17.89 4.55
N ASP A 38 -8.31 -18.26 3.28
CA ASP A 38 -9.47 -18.84 2.58
C ASP A 38 -10.75 -18.03 2.81
N TYR A 39 -10.62 -16.71 2.77
CA TYR A 39 -11.76 -15.81 2.91
C TYR A 39 -12.55 -15.88 4.21
N ASP A 40 -11.86 -16.12 5.32
CA ASP A 40 -12.50 -16.08 6.62
C ASP A 40 -12.41 -14.65 7.18
N LEU A 41 -13.43 -13.86 6.89
CA LEU A 41 -13.43 -12.44 7.24
C LEU A 41 -13.05 -12.18 8.69
N LYS A 42 -13.73 -12.85 9.61
CA LYS A 42 -13.48 -12.65 11.04
C LYS A 42 -12.01 -12.80 11.39
N ARG A 43 -11.38 -13.84 10.81
CA ARG A 43 -9.97 -14.11 11.09
C ARG A 43 -9.04 -13.14 10.36
N THR A 44 -9.39 -12.82 9.11
CA THR A 44 -8.58 -11.91 8.32
C THR A 44 -8.46 -10.54 8.98
N ALA A 45 -9.58 -10.03 9.49
CA ALA A 45 -9.61 -8.74 10.15
C ALA A 45 -8.75 -8.74 11.41
N GLU A 46 -8.57 -9.93 12.00
CA GLU A 46 -7.77 -10.06 13.21
C GLU A 46 -6.28 -10.11 12.89
N GLU A 47 -5.93 -10.83 11.83
CA GLU A 47 -4.53 -11.00 11.45
C GLU A 47 -3.90 -9.69 10.98
N ILE A 48 -4.72 -8.83 10.36
CA ILE A 48 -4.23 -7.57 9.81
C ILE A 48 -4.41 -6.40 10.78
N GLY A 49 -5.16 -6.63 11.85
CA GLY A 49 -5.32 -5.64 12.90
C GLY A 49 -6.30 -4.53 12.60
N ILE A 50 -7.46 -4.88 12.06
CA ILE A 50 -8.52 -3.91 11.85
C ILE A 50 -9.85 -4.49 12.33
N ASP A 51 -10.85 -3.62 12.48
CA ASP A 51 -12.17 -4.05 12.92
C ASP A 51 -12.92 -4.72 11.78
N LEU A 52 -13.61 -5.81 12.08
CA LEU A 52 -14.35 -6.54 11.07
C LEU A 52 -15.31 -5.62 10.32
N SER A 53 -15.86 -4.64 11.04
CA SER A 53 -16.78 -3.69 10.44
C SER A 53 -16.11 -2.85 9.36
N ASN A 54 -14.88 -2.44 9.64
CA ASN A 54 -14.06 -1.74 8.66
C ASN A 54 -13.67 -2.62 7.49
N LEU A 55 -13.42 -3.89 7.78
CA LEU A 55 -13.03 -4.85 6.76
C LEU A 55 -14.15 -4.93 5.72
N TYR A 56 -15.39 -4.97 6.22
CA TYR A 56 -16.55 -4.98 5.34
C TYR A 56 -16.64 -3.70 4.53
N ARG A 57 -16.40 -2.57 5.18
CA ARG A 57 -16.45 -1.26 4.52
C ARG A 57 -15.35 -1.10 3.49
N LYS A 58 -14.21 -1.74 3.73
CA LYS A 58 -13.10 -1.71 2.78
C LYS A 58 -13.43 -2.58 1.57
N ILE A 59 -14.04 -3.73 1.82
CA ILE A 59 -14.46 -4.61 0.74
C ILE A 59 -15.47 -3.88 -0.15
N LYS A 60 -16.38 -3.13 0.46
CA LYS A 60 -17.39 -2.32 -0.23
C LYS A 60 -16.79 -1.20 -1.05
N SER A 61 -15.80 -0.54 -0.49
CA SER A 61 -15.12 0.58 -1.12
C SER A 61 -14.20 0.14 -2.26
N LEU A 62 -13.37 -0.86 -1.99
CA LEU A 62 -12.40 -1.35 -2.97
C LEU A 62 -13.02 -2.32 -3.98
N ASN A 63 -14.33 -2.54 -3.87
CA ASN A 63 -15.02 -3.47 -4.75
C ASN A 63 -14.37 -4.84 -4.79
N ILE A 64 -14.01 -5.34 -3.61
CA ILE A 64 -13.41 -6.67 -3.48
C ILE A 64 -14.50 -7.73 -3.48
N ARG A 65 -14.27 -8.81 -4.22
CA ARG A 65 -15.26 -9.88 -4.31
C ARG A 65 -14.79 -11.13 -3.56
N VAL A 66 -15.73 -11.90 -3.03
CA VAL A 66 -15.42 -13.09 -2.25
C VAL A 66 -15.94 -14.35 -2.94
N LYS A 67 -15.36 -15.49 -2.55
CA LYS A 67 -15.69 -16.77 -3.16
C LYS A 67 -17.08 -17.31 -2.83
N SER A 68 -17.43 -17.26 -1.55
CA SER A 68 -18.69 -17.78 -1.06
C SER A 68 -19.41 -16.87 -0.09
N ARG B 7 11.30 -3.59 -9.84
CA ARG B 7 11.52 -3.80 -8.42
C ARG B 7 10.73 -4.96 -7.87
N ASP B 8 11.25 -5.59 -6.80
CA ASP B 8 10.53 -6.67 -6.13
C ASP B 8 10.05 -6.17 -4.77
N LEU B 9 8.73 -6.13 -4.66
CA LEU B 9 7.99 -5.55 -3.55
C LEU B 9 7.21 -6.62 -2.84
N SER B 10 7.69 -7.84 -2.95
CA SER B 10 7.06 -9.04 -2.44
C SER B 10 6.92 -9.07 -0.95
N TYR B 11 7.74 -8.27 -0.28
CA TYR B 11 7.85 -8.23 1.17
C TYR B 11 6.70 -7.47 1.80
N LEU B 12 6.07 -6.60 1.02
CA LEU B 12 4.93 -5.83 1.47
C LEU B 12 3.72 -6.74 1.70
N LEU B 13 3.64 -7.81 0.90
CA LEU B 13 2.55 -8.77 1.03
C LEU B 13 2.81 -9.75 2.17
N LYS B 14 4.03 -9.78 2.67
CA LYS B 14 4.41 -10.68 3.75
C LYS B 14 4.17 -10.04 5.12
N ILE B 15 3.92 -8.74 5.13
CA ILE B 15 3.63 -8.02 6.36
C ILE B 15 2.27 -8.43 6.93
N LYS B 16 2.25 -8.81 8.20
CA LYS B 16 1.04 -9.30 8.83
C LYS B 16 -0.06 -8.24 8.97
N GLU B 17 0.31 -7.05 9.42
CA GLU B 17 -0.67 -6.00 9.68
C GLU B 17 -0.78 -4.98 8.55
N LEU B 18 -2.01 -4.58 8.25
CA LEU B 18 -2.31 -3.66 7.17
C LEU B 18 -1.73 -2.27 7.40
N LYS B 19 -1.76 -1.81 8.65
CA LYS B 19 -1.31 -0.46 8.96
C LYS B 19 0.19 -0.29 8.72
N GLU B 20 0.92 -1.40 8.73
CA GLU B 20 2.35 -1.39 8.44
C GLU B 20 2.57 -1.37 6.93
N ALA B 21 1.86 -2.24 6.22
CA ALA B 21 1.99 -2.35 4.77
C ALA B 21 1.65 -1.06 4.07
N LYS B 22 0.65 -0.35 4.61
CA LYS B 22 0.21 0.92 4.05
C LYS B 22 1.27 1.99 4.22
N LYS B 23 2.03 1.90 5.31
CA LYS B 23 3.07 2.88 5.59
C LYS B 23 4.39 2.53 4.92
N GLU B 24 4.62 1.25 4.66
CA GLU B 24 5.82 0.84 3.95
C GLU B 24 5.70 1.13 2.46
N PHE B 25 4.55 0.78 1.88
CA PHE B 25 4.29 1.06 0.48
C PHE B 25 4.35 2.56 0.21
N GLU B 26 3.63 3.32 1.03
CA GLU B 26 3.61 4.78 0.90
C GLU B 26 5.02 5.36 0.96
N LYS B 27 5.89 4.68 1.70
CA LYS B 27 7.28 5.10 1.82
C LYS B 27 8.05 4.81 0.54
N ILE B 28 7.98 3.57 0.08
CA ILE B 28 8.68 3.15 -1.13
C ILE B 28 8.15 3.89 -2.35
N PHE B 29 6.85 4.14 -2.37
CA PHE B 29 6.20 4.84 -3.48
C PHE B 29 6.75 6.26 -3.61
N ILE B 30 6.72 7.00 -2.50
CA ILE B 30 7.21 8.37 -2.49
C ILE B 30 8.70 8.43 -2.83
N GLU B 31 9.46 7.49 -2.29
CA GLU B 31 10.90 7.44 -2.55
C GLU B 31 11.20 7.32 -4.05
N GLU B 32 10.52 6.37 -4.71
CA GLU B 32 10.70 6.18 -6.14
C GLU B 32 10.32 7.44 -6.92
N LYS B 33 9.29 8.14 -6.43
CA LYS B 33 8.86 9.38 -7.06
C LYS B 33 9.92 10.45 -6.89
N LEU B 34 10.49 10.54 -5.70
CA LEU B 34 11.55 11.50 -5.43
C LEU B 34 12.73 11.27 -6.37
N ARG B 35 12.99 10.00 -6.70
CA ARG B 35 14.08 9.66 -7.60
C ARG B 35 13.75 10.04 -9.05
N GLU B 36 12.54 9.71 -9.48
CA GLU B 36 12.12 9.98 -10.86
C GLU B 36 12.07 11.48 -11.16
N TYR B 37 12.04 12.29 -10.10
CA TYR B 37 11.99 13.73 -10.26
C TYR B 37 13.20 14.40 -9.62
N ASP B 38 14.29 13.65 -9.53
CA ASP B 38 15.56 14.16 -9.00
C ASP B 38 15.40 14.91 -7.68
N TYR B 39 14.48 14.45 -6.86
CA TYR B 39 14.26 15.01 -5.52
C TYR B 39 13.82 16.48 -5.55
N ASP B 40 13.04 16.83 -6.57
CA ASP B 40 12.42 18.15 -6.63
C ASP B 40 11.07 18.12 -5.93
N LEU B 41 11.09 18.36 -4.63
CA LEU B 41 9.90 18.24 -3.79
C LEU B 41 8.68 18.94 -4.39
N LYS B 42 8.85 20.20 -4.74
CA LYS B 42 7.76 21.02 -5.27
C LYS B 42 6.98 20.32 -6.38
N ARG B 43 7.71 19.65 -7.26
CA ARG B 43 7.10 19.03 -8.43
C ARG B 43 6.55 17.64 -8.13
N THR B 44 7.16 16.96 -7.16
CA THR B 44 6.72 15.63 -6.78
C THR B 44 5.33 15.68 -6.15
N ALA B 45 5.18 16.51 -5.12
CA ALA B 45 3.89 16.67 -4.46
C ALA B 45 2.82 17.16 -5.43
N GLU B 46 3.26 17.57 -6.62
CA GLU B 46 2.33 18.03 -7.65
C GLU B 46 1.96 16.91 -8.60
N GLU B 47 2.95 16.09 -8.94
CA GLU B 47 2.74 14.98 -9.86
C GLU B 47 1.97 13.83 -9.21
N ILE B 48 2.00 13.77 -7.88
CA ILE B 48 1.30 12.72 -7.14
C ILE B 48 0.00 13.20 -6.52
N GLY B 49 -0.21 14.51 -6.53
CA GLY B 49 -1.48 15.09 -6.13
C GLY B 49 -1.66 15.30 -4.63
N ILE B 50 -0.63 15.81 -3.98
CA ILE B 50 -0.74 16.15 -2.57
C ILE B 50 -0.20 17.55 -2.31
N ASP B 51 -0.30 18.01 -1.07
CA ASP B 51 0.20 19.31 -0.71
C ASP B 51 1.66 19.19 -0.31
N LEU B 52 2.48 20.12 -0.77
CA LEU B 52 3.89 20.11 -0.44
C LEU B 52 4.08 20.08 1.07
N SER B 53 3.23 20.78 1.79
CA SER B 53 3.30 20.79 3.25
C SER B 53 3.07 19.39 3.79
N ASN B 54 2.23 18.62 3.09
CA ASN B 54 1.97 17.23 3.46
C ASN B 54 3.07 16.30 3.00
N LEU B 55 3.79 16.71 1.97
CA LEU B 55 4.94 15.96 1.48
C LEU B 55 6.06 15.97 2.50
N TYR B 56 6.36 17.14 3.05
CA TYR B 56 7.36 17.26 4.09
C TYR B 56 6.97 16.41 5.30
N ARG B 57 5.70 16.46 5.66
CA ARG B 57 5.18 15.71 6.79
C ARG B 57 5.36 14.21 6.62
N LYS B 58 5.12 13.72 5.42
CA LYS B 58 5.29 12.30 5.11
C LYS B 58 6.76 11.91 5.14
N ILE B 59 7.63 12.87 4.80
CA ILE B 59 9.07 12.62 4.81
C ILE B 59 9.60 12.49 6.24
N LYS B 60 9.02 13.27 7.15
CA LYS B 60 9.44 13.25 8.54
C LYS B 60 8.92 11.99 9.24
N SER B 61 7.73 11.55 8.83
CA SER B 61 7.09 10.41 9.46
C SER B 61 7.69 9.08 8.99
N LEU B 62 7.82 8.93 7.67
CA LEU B 62 8.27 7.68 7.07
C LEU B 62 9.79 7.59 6.96
N ASN B 63 10.48 8.63 7.42
CA ASN B 63 11.93 8.69 7.29
C ASN B 63 12.41 8.53 5.86
N ILE B 64 12.13 9.53 5.03
CA ILE B 64 12.57 9.50 3.64
C ILE B 64 13.76 10.42 3.45
N ARG B 65 14.81 9.92 2.80
CA ARG B 65 16.01 10.73 2.61
C ARG B 65 16.00 11.47 1.28
N VAL B 66 15.98 12.78 1.35
CA VAL B 66 15.98 13.60 0.16
C VAL B 66 17.40 13.81 -0.30
N LYS B 67 17.97 12.74 -0.85
CA LYS B 67 19.31 12.75 -1.40
C LYS B 67 19.41 13.72 -2.55
#